data_1WBR
#
_entry.id   1WBR
#
_cell.length_a   1.000
_cell.length_b   1.000
_cell.length_c   1.000
_cell.angle_alpha   90.00
_cell.angle_beta   90.00
_cell.angle_gamma   90.00
#
_symmetry.space_group_name_H-M   'P 1'
#
_entity_poly.entity_id   1
_entity_poly.type   'polypeptide(L)'
_entity_poly.pdbx_seq_one_letter_code
;(ACE)QAERMSQIKRLLSEKKT(NH2)
;
_entity_poly.pdbx_strand_id   A
#
# COMPACT_ATOMS: atom_id res chain seq x y z
N GLN A 2 3.98 -9.33 4.85
CA GLN A 2 2.86 -10.21 5.34
C GLN A 2 1.77 -9.26 5.82
N ALA A 3 2.21 -8.33 6.61
CA ALA A 3 1.38 -7.23 7.13
C ALA A 3 0.95 -6.32 5.99
N GLU A 4 -0.13 -5.60 6.16
CA GLU A 4 -0.53 -4.62 5.10
C GLU A 4 0.24 -3.29 5.37
N ARG A 5 1.48 -3.36 5.87
CA ARG A 5 2.25 -2.16 6.28
C ARG A 5 3.37 -1.84 5.28
N MET A 6 4.38 -2.69 5.29
CA MET A 6 5.57 -2.48 4.36
C MET A 6 5.13 -2.53 2.89
N SER A 7 4.08 -3.26 2.61
CA SER A 7 3.53 -3.35 1.23
C SER A 7 2.67 -2.11 0.95
N GLN A 8 2.02 -1.60 1.98
CA GLN A 8 1.17 -0.36 1.89
C GLN A 8 1.98 0.80 1.32
N ILE A 9 3.17 0.94 1.78
CA ILE A 9 4.08 2.04 1.30
C ILE A 9 4.32 1.92 -0.22
N LYS A 10 4.24 0.72 -0.74
CA LYS A 10 4.48 0.48 -2.21
C LYS A 10 3.19 0.46 -3.03
N ARG A 11 2.02 0.54 -2.42
CA ARG A 11 0.75 0.55 -3.20
C ARG A 11 0.32 2.01 -3.52
N LEU A 12 1.24 2.95 -3.53
CA LEU A 12 0.89 4.38 -3.88
C LEU A 12 0.30 4.46 -5.30
N LEU A 13 0.62 3.49 -6.12
CA LEU A 13 0.12 3.42 -7.51
C LEU A 13 -1.34 2.92 -7.55
N SER A 14 -1.83 2.27 -6.48
CA SER A 14 -3.25 1.76 -6.48
C SER A 14 -4.24 2.93 -6.55
N GLU A 15 -5.45 2.67 -7.06
CA GLU A 15 -6.53 3.73 -7.21
C GLU A 15 -6.65 4.63 -5.94
N LYS A 16 -7.18 4.13 -4.83
CA LYS A 16 -7.33 4.97 -3.61
C LYS A 16 -7.02 4.14 -2.34
N LYS A 17 -5.76 4.14 -1.90
CA LYS A 17 -5.38 3.36 -0.67
C LYS A 17 -4.40 4.17 0.20
N THR A 18 -4.93 4.89 1.17
CA THR A 18 -4.07 5.71 2.12
C THR A 18 -3.25 6.77 1.32
N GLN A 2 3.11 -10.00 4.04
CA GLN A 2 1.86 -10.32 4.80
C GLN A 2 1.51 -9.08 5.60
N ALA A 3 2.53 -8.57 6.24
CA ALA A 3 2.49 -7.34 7.05
C ALA A 3 2.01 -6.14 6.26
N GLU A 4 1.64 -5.10 6.96
CA GLU A 4 1.29 -3.82 6.28
C GLU A 4 2.62 -3.02 6.06
N ARG A 5 3.74 -3.73 5.83
CA ARG A 5 5.07 -3.06 5.67
C ARG A 5 5.37 -2.95 4.20
N MET A 6 5.25 -4.06 3.50
CA MET A 6 5.44 -4.06 2.02
C MET A 6 4.34 -3.17 1.38
N SER A 7 3.22 -3.07 2.06
CA SER A 7 2.11 -2.20 1.61
C SER A 7 2.59 -0.76 1.75
N GLN A 8 3.13 -0.46 2.91
CA GLN A 8 3.71 0.91 3.21
C GLN A 8 4.72 1.32 2.14
N ILE A 9 5.62 0.44 1.83
CA ILE A 9 6.65 0.72 0.79
C ILE A 9 6.00 0.85 -0.59
N LYS A 10 5.05 -0.01 -0.88
CA LYS A 10 4.36 0.03 -2.22
C LYS A 10 3.02 0.81 -2.15
N ARG A 11 2.89 1.79 -1.25
CA ARG A 11 1.64 2.59 -1.17
C ARG A 11 1.44 3.44 -2.42
N LEU A 12 2.48 3.64 -3.20
CA LEU A 12 2.37 4.38 -4.51
C LEU A 12 1.37 3.62 -5.41
N LEU A 13 1.33 2.31 -5.24
CA LEU A 13 0.42 1.42 -5.99
C LEU A 13 -0.93 1.31 -5.22
N SER A 14 -0.93 1.44 -3.89
CA SER A 14 -2.21 1.37 -3.10
C SER A 14 -3.21 2.43 -3.62
N GLU A 15 -4.25 2.01 -4.31
CA GLU A 15 -5.26 2.99 -4.84
C GLU A 15 -6.23 3.37 -3.71
N LYS A 16 -5.89 4.40 -2.95
CA LYS A 16 -6.78 4.86 -1.84
C LYS A 16 -7.80 5.86 -2.44
N LYS A 17 -8.68 5.36 -3.28
CA LYS A 17 -9.69 6.25 -3.95
C LYS A 17 -10.98 5.47 -4.25
N THR A 18 -12.06 5.92 -3.65
CA THR A 18 -13.44 5.30 -3.81
C THR A 18 -13.75 4.94 -5.28
N GLN A 2 2.27 -5.23 10.96
CA GLN A 2 1.38 -6.39 11.30
C GLN A 2 1.39 -7.27 10.08
N ALA A 3 1.01 -6.63 9.02
CA ALA A 3 1.01 -7.21 7.66
C ALA A 3 2.43 -7.14 7.15
N GLU A 4 2.80 -8.00 6.24
CA GLU A 4 4.13 -7.82 5.59
C GLU A 4 3.92 -6.51 4.81
N ARG A 5 4.69 -5.47 5.12
CA ARG A 5 4.53 -4.12 4.49
C ARG A 5 4.64 -4.15 2.94
N MET A 6 3.67 -4.76 2.27
CA MET A 6 3.68 -4.82 0.75
C MET A 6 2.94 -3.61 0.18
N SER A 7 1.92 -3.16 0.86
CA SER A 7 1.17 -1.94 0.42
C SER A 7 1.87 -0.70 0.95
N GLN A 8 2.56 -0.83 2.07
CA GLN A 8 3.32 0.29 2.72
C GLN A 8 4.32 0.91 1.73
N ILE A 9 4.95 0.10 0.95
CA ILE A 9 5.92 0.58 -0.07
C ILE A 9 5.18 1.27 -1.21
N LYS A 10 4.17 0.63 -1.72
CA LYS A 10 3.37 1.19 -2.86
C LYS A 10 2.11 1.92 -2.34
N ARG A 11 2.17 2.56 -1.18
CA ARG A 11 0.99 3.31 -0.67
C ARG A 11 0.65 4.45 -1.63
N LEU A 12 1.65 4.94 -2.34
CA LEU A 12 1.46 6.01 -3.37
C LEU A 12 0.45 5.52 -4.42
N LEU A 13 0.47 4.24 -4.67
CA LEU A 13 -0.45 3.57 -5.63
C LEU A 13 -1.73 3.15 -4.88
N SER A 14 -1.59 2.56 -3.69
CA SER A 14 -2.80 2.12 -2.90
C SER A 14 -3.74 3.30 -2.66
N GLU A 15 -3.19 4.47 -2.47
CA GLU A 15 -4.02 5.72 -2.24
C GLU A 15 -5.04 5.91 -3.38
N LYS A 16 -4.75 5.47 -4.60
CA LYS A 16 -5.72 5.62 -5.73
C LYS A 16 -6.35 4.23 -6.08
N LYS A 17 -6.56 3.38 -5.08
CA LYS A 17 -7.16 2.03 -5.33
C LYS A 17 -8.37 1.82 -4.41
N THR A 18 -9.56 2.06 -4.93
CA THR A 18 -10.83 1.84 -4.15
C THR A 18 -10.77 2.54 -2.77
N GLN A 2 3.84 -9.92 5.38
CA GLN A 2 2.45 -10.51 5.29
C GLN A 2 1.46 -9.34 5.46
N ALA A 3 1.85 -8.45 6.32
CA ALA A 3 1.12 -7.20 6.63
C ALA A 3 1.02 -6.29 5.43
N GLU A 4 0.10 -5.36 5.48
CA GLU A 4 0.06 -4.32 4.41
C GLU A 4 1.03 -3.17 4.83
N ARG A 5 2.16 -3.51 5.51
CA ARG A 5 3.15 -2.50 5.98
C ARG A 5 4.18 -2.31 4.89
N MET A 6 4.72 -3.41 4.44
CA MET A 6 5.71 -3.40 3.32
C MET A 6 4.97 -2.93 2.05
N SER A 7 3.68 -3.17 1.99
CA SER A 7 2.85 -2.72 0.85
C SER A 7 2.60 -1.22 0.98
N GLN A 8 2.31 -0.76 2.18
CA GLN A 8 2.05 0.70 2.46
C GLN A 8 3.14 1.60 1.90
N ILE A 9 4.34 1.11 1.83
CA ILE A 9 5.48 1.92 1.27
C ILE A 9 5.31 2.05 -0.25
N LYS A 10 5.01 0.95 -0.90
CA LYS A 10 4.84 0.91 -2.38
C LYS A 10 3.34 1.03 -2.79
N ARG A 11 2.44 1.38 -1.88
CA ARG A 11 0.99 1.51 -2.22
C ARG A 11 0.68 2.71 -3.13
N LEU A 12 1.67 3.48 -3.56
CA LEU A 12 1.43 4.65 -4.48
C LEU A 12 0.71 4.17 -5.74
N LEU A 13 1.15 3.05 -6.25
CA LEU A 13 0.56 2.44 -7.46
C LEU A 13 -0.71 1.59 -7.10
N SER A 14 -0.85 1.16 -5.85
CA SER A 14 -2.05 0.35 -5.44
C SER A 14 -3.33 1.24 -5.42
N GLU A 15 -4.47 0.72 -4.94
CA GLU A 15 -5.78 1.49 -4.87
C GLU A 15 -5.55 2.90 -4.26
N LYS A 16 -4.80 2.98 -3.16
CA LYS A 16 -4.43 4.26 -2.45
C LYS A 16 -5.60 5.26 -2.54
N LYS A 17 -6.56 5.09 -1.66
CA LYS A 17 -7.77 5.96 -1.72
C LYS A 17 -8.56 5.94 -0.40
N THR A 18 -9.80 6.40 -0.43
CA THR A 18 -10.64 6.47 0.81
C THR A 18 -11.68 5.33 0.83
N GLN A 2 2.38 -10.20 6.25
CA GLN A 2 1.28 -10.17 7.26
C GLN A 2 1.18 -8.74 7.75
N ALA A 3 2.34 -8.22 8.04
CA ALA A 3 2.55 -6.82 8.48
C ALA A 3 1.90 -5.82 7.55
N GLU A 4 1.71 -4.61 8.01
CA GLU A 4 1.22 -3.52 7.12
C GLU A 4 2.48 -2.92 6.40
N ARG A 5 3.51 -3.74 6.13
CA ARG A 5 4.76 -3.25 5.48
C ARG A 5 4.70 -3.51 4.00
N MET A 6 4.30 -4.70 3.64
CA MET A 6 4.11 -5.04 2.19
C MET A 6 2.94 -4.20 1.65
N SER A 7 2.02 -3.86 2.53
CA SER A 7 0.86 -2.99 2.18
C SER A 7 1.30 -1.51 2.10
N GLN A 8 2.49 -1.18 2.55
CA GLN A 8 2.98 0.23 2.57
C GLN A 8 4.10 0.52 1.54
N ILE A 9 4.39 -0.41 0.65
CA ILE A 9 5.48 -0.23 -0.36
C ILE A 9 5.01 0.70 -1.49
N LYS A 10 4.72 0.20 -2.67
CA LYS A 10 4.27 1.08 -3.82
C LYS A 10 2.74 1.39 -3.72
N ARG A 11 2.26 1.73 -2.53
CA ARG A 11 0.84 2.04 -2.30
C ARG A 11 0.55 3.56 -2.31
N LEU A 12 1.55 4.36 -2.61
CA LEU A 12 1.38 5.86 -2.66
C LEU A 12 0.91 6.26 -4.06
N LEU A 13 1.57 5.71 -5.04
CA LEU A 13 1.24 5.98 -6.47
C LEU A 13 -0.07 5.27 -6.87
N SER A 14 -0.30 4.06 -6.37
CA SER A 14 -1.55 3.30 -6.72
C SER A 14 -2.81 4.05 -6.19
N GLU A 15 -3.94 3.83 -6.83
CA GLU A 15 -5.23 4.48 -6.41
C GLU A 15 -6.23 3.43 -5.87
N LYS A 16 -5.74 2.33 -5.30
CA LYS A 16 -6.62 1.25 -4.78
C LYS A 16 -6.72 1.36 -3.24
N LYS A 17 -7.18 2.51 -2.75
CA LYS A 17 -7.31 2.72 -1.26
C LYS A 17 -8.09 4.02 -0.99
N THR A 18 -9.39 3.90 -0.81
CA THR A 18 -10.28 5.08 -0.50
C THR A 18 -10.04 6.22 -1.51
N GLN A 2 0.76 -8.04 2.41
CA GLN A 2 -0.43 -8.49 3.22
C GLN A 2 -0.44 -7.63 4.46
N ALA A 3 0.72 -7.55 5.06
CA ALA A 3 0.99 -6.72 6.25
C ALA A 3 0.74 -5.24 5.90
N GLU A 4 0.68 -4.39 6.89
CA GLU A 4 0.53 -2.93 6.60
C GLU A 4 1.94 -2.30 6.33
N ARG A 5 2.93 -3.13 5.97
CA ARG A 5 4.33 -2.66 5.77
C ARG A 5 4.66 -2.61 4.27
N MET A 6 4.68 -3.77 3.66
CA MET A 6 4.97 -3.86 2.18
C MET A 6 3.84 -3.22 1.37
N SER A 7 2.65 -3.20 1.93
CA SER A 7 1.49 -2.54 1.28
C SER A 7 1.44 -1.06 1.70
N GLN A 8 2.47 -0.55 2.38
CA GLN A 8 2.51 0.87 2.87
C GLN A 8 3.41 1.72 1.98
N ILE A 9 4.55 1.20 1.67
CA ILE A 9 5.54 1.92 0.82
C ILE A 9 4.98 2.14 -0.58
N LYS A 10 4.39 1.12 -1.14
CA LYS A 10 3.79 1.21 -2.52
C LYS A 10 2.27 1.52 -2.45
N ARG A 11 1.83 2.30 -1.48
CA ARG A 11 0.40 2.68 -1.41
C ARG A 11 0.08 3.65 -2.56
N LEU A 12 1.08 4.38 -3.03
CA LEU A 12 0.92 5.33 -4.19
C LEU A 12 0.56 4.50 -5.42
N LEU A 13 1.25 3.40 -5.58
CA LEU A 13 1.00 2.46 -6.69
C LEU A 13 -0.32 1.70 -6.41
N SER A 14 -0.59 1.39 -5.15
CA SER A 14 -1.85 0.66 -4.77
C SER A 14 -3.06 1.51 -5.21
N GLU A 15 -3.80 1.05 -6.20
CA GLU A 15 -4.99 1.85 -6.70
C GLU A 15 -6.09 1.89 -5.63
N LYS A 16 -6.37 3.07 -5.09
CA LYS A 16 -7.41 3.28 -4.06
C LYS A 16 -7.09 2.39 -2.85
N LYS A 17 -6.34 2.95 -1.90
CA LYS A 17 -5.93 2.15 -0.71
C LYS A 17 -5.34 3.08 0.38
N THR A 18 -6.23 3.83 1.01
CA THR A 18 -5.87 4.81 2.10
C THR A 18 -4.74 5.76 1.63
N GLN A 2 0.28 -9.29 4.95
CA GLN A 2 -0.48 -9.57 6.22
C GLN A 2 -0.31 -8.31 7.06
N ALA A 3 0.93 -7.91 7.13
CA ALA A 3 1.36 -6.67 7.79
C ALA A 3 0.85 -5.50 6.96
N GLU A 4 0.54 -4.38 7.56
CA GLU A 4 0.14 -3.19 6.74
C GLU A 4 1.43 -2.45 6.28
N ARG A 5 2.53 -3.19 6.04
CA ARG A 5 3.84 -2.57 5.68
C ARG A 5 4.11 -2.74 4.18
N MET A 6 4.19 -3.97 3.72
CA MET A 6 4.45 -4.25 2.26
C MET A 6 3.29 -3.71 1.42
N SER A 7 2.09 -3.78 1.94
CA SER A 7 0.90 -3.21 1.24
C SER A 7 0.90 -1.66 1.34
N GLN A 8 1.84 -1.09 2.08
CA GLN A 8 1.90 0.39 2.30
C GLN A 8 3.07 1.10 1.57
N ILE A 9 3.85 0.37 0.81
CA ILE A 9 5.02 0.96 0.10
C ILE A 9 4.55 1.75 -1.13
N LYS A 10 4.83 1.31 -2.34
CA LYS A 10 4.41 2.07 -3.59
C LYS A 10 2.89 1.88 -3.90
N ARG A 11 2.04 2.02 -2.89
CA ARG A 11 0.58 1.86 -3.04
C ARG A 11 -0.16 3.20 -3.17
N LEU A 12 0.54 4.31 -3.02
CA LEU A 12 -0.08 5.67 -3.13
C LEU A 12 -0.41 5.98 -4.59
N LEU A 13 0.54 5.75 -5.44
CA LEU A 13 0.41 5.98 -6.91
C LEU A 13 -0.59 4.96 -7.49
N SER A 14 -0.60 3.73 -7.00
CA SER A 14 -1.55 2.69 -7.54
C SER A 14 -2.96 2.86 -6.95
N GLU A 15 -3.90 2.06 -7.41
CA GLU A 15 -5.33 2.13 -6.92
C GLU A 15 -5.52 1.43 -5.54
N LYS A 16 -4.59 1.58 -4.60
CA LYS A 16 -4.75 0.91 -3.28
C LYS A 16 -4.21 1.82 -2.15
N LYS A 17 -4.98 2.82 -1.75
CA LYS A 17 -4.56 3.76 -0.66
C LYS A 17 -5.62 3.79 0.44
N THR A 18 -5.34 3.10 1.53
CA THR A 18 -6.25 3.04 2.74
C THR A 18 -7.73 2.78 2.32
N GLN A 2 0.43 -9.32 5.09
CA GLN A 2 -0.60 -9.46 6.17
C GLN A 2 -0.59 -8.14 6.94
N ALA A 3 0.62 -7.67 7.14
CA ALA A 3 0.91 -6.39 7.78
C ALA A 3 0.61 -5.28 6.79
N GLU A 4 0.21 -4.11 7.24
CA GLU A 4 0.02 -2.98 6.29
C GLU A 4 1.41 -2.29 6.06
N ARG A 5 2.50 -3.07 6.05
CA ARG A 5 3.88 -2.49 5.91
C ARG A 5 4.38 -2.69 4.48
N MET A 6 4.47 -3.92 4.05
CA MET A 6 4.91 -4.21 2.62
C MET A 6 3.82 -3.69 1.68
N SER A 7 2.58 -3.77 2.11
CA SER A 7 1.43 -3.22 1.33
C SER A 7 1.51 -1.67 1.31
N GLN A 8 2.38 -1.07 2.11
CA GLN A 8 2.50 0.42 2.22
C GLN A 8 3.79 0.98 1.58
N ILE A 9 4.56 0.18 0.90
CA ILE A 9 5.84 0.67 0.29
C ILE A 9 5.56 1.49 -0.98
N LYS A 10 5.75 0.95 -2.16
CA LYS A 10 5.49 1.73 -3.43
C LYS A 10 3.98 1.66 -3.81
N ARG A 11 3.10 1.81 -2.82
CA ARG A 11 1.64 1.75 -3.03
C ARG A 11 0.99 3.15 -3.14
N LEU A 12 1.80 4.18 -3.29
CA LEU A 12 1.26 5.58 -3.45
C LEU A 12 1.09 5.91 -4.96
N LEU A 13 1.05 4.90 -5.81
CA LEU A 13 0.91 5.10 -7.29
C LEU A 13 -0.54 4.87 -7.73
N SER A 14 -1.16 3.77 -7.31
CA SER A 14 -2.58 3.48 -7.74
C SER A 14 -3.61 4.14 -6.81
N GLU A 15 -4.90 3.96 -7.11
CA GLU A 15 -6.00 4.57 -6.28
C GLU A 15 -6.69 3.50 -5.38
N LYS A 16 -5.97 2.45 -5.00
CA LYS A 16 -6.52 1.38 -4.15
C LYS A 16 -5.79 1.44 -2.81
N LYS A 17 -6.51 1.68 -1.71
CA LYS A 17 -5.81 1.83 -0.39
C LYS A 17 -6.80 1.76 0.79
N THR A 18 -6.43 2.32 1.93
CA THR A 18 -7.28 2.26 3.15
C THR A 18 -8.03 3.59 3.35
N GLN A 2 0.39 -8.65 3.16
CA GLN A 2 -0.59 -8.96 4.25
C GLN A 2 -0.27 -8.01 5.40
N ALA A 3 0.99 -7.81 5.57
CA ALA A 3 1.57 -6.88 6.57
C ALA A 3 1.42 -5.46 6.04
N GLU A 4 1.41 -4.47 6.90
CA GLU A 4 1.38 -3.06 6.39
C GLU A 4 2.85 -2.62 6.06
N ARG A 5 3.72 -3.56 5.69
CA ARG A 5 5.15 -3.25 5.39
C ARG A 5 5.33 -3.13 3.88
N MET A 6 4.95 -4.16 3.19
CA MET A 6 5.02 -4.15 1.67
C MET A 6 4.01 -3.13 1.15
N SER A 7 2.93 -2.96 1.87
CA SER A 7 1.87 -1.95 1.52
C SER A 7 2.28 -0.52 2.00
N GLN A 8 3.47 -0.38 2.59
CA GLN A 8 3.96 0.95 3.09
C GLN A 8 4.98 1.59 2.13
N ILE A 9 5.61 0.78 1.31
CA ILE A 9 6.64 1.25 0.34
C ILE A 9 5.99 1.61 -0.98
N LYS A 10 5.22 0.69 -1.51
CA LYS A 10 4.51 0.91 -2.82
C LYS A 10 3.07 1.42 -2.57
N ARG A 11 2.86 2.18 -1.51
CA ARG A 11 1.51 2.76 -1.24
C ARG A 11 1.11 3.69 -2.38
N LEU A 12 2.10 4.30 -3.02
CA LEU A 12 1.86 5.20 -4.22
C LEU A 12 1.13 4.39 -5.30
N LEU A 13 1.49 3.13 -5.40
CA LEU A 13 0.85 2.18 -6.35
C LEU A 13 -0.41 1.58 -5.70
N SER A 14 -0.35 1.29 -4.40
CA SER A 14 -1.53 0.68 -3.70
C SER A 14 -2.58 1.77 -3.43
N GLU A 15 -3.41 2.07 -4.42
CA GLU A 15 -4.47 3.13 -4.26
C GLU A 15 -5.70 2.50 -3.55
N LYS A 16 -5.56 2.17 -2.27
CA LYS A 16 -6.70 1.58 -1.50
C LYS A 16 -7.54 2.74 -0.94
N LYS A 17 -8.20 3.47 -1.81
CA LYS A 17 -9.02 4.64 -1.36
C LYS A 17 -9.88 5.15 -2.54
N THR A 18 -11.06 4.58 -2.69
CA THR A 18 -12.02 4.98 -3.80
C THR A 18 -11.36 4.80 -5.20
N GLN A 2 -0.04 -8.58 3.32
CA GLN A 2 -0.80 -8.98 4.55
C GLN A 2 -0.35 -8.01 5.63
N ALA A 3 0.95 -7.90 5.71
CA ALA A 3 1.63 -6.95 6.62
C ALA A 3 1.31 -5.54 6.16
N GLU A 4 1.34 -4.57 7.05
CA GLU A 4 1.16 -3.14 6.62
C GLU A 4 2.54 -2.59 6.14
N ARG A 5 3.39 -3.45 5.58
CA ARG A 5 4.78 -3.08 5.19
C ARG A 5 4.95 -2.93 3.68
N MET A 6 4.82 -4.04 3.00
CA MET A 6 4.97 -4.04 1.49
C MET A 6 3.89 -3.19 0.82
N SER A 7 2.73 -3.09 1.43
CA SER A 7 1.63 -2.25 0.90
C SER A 7 1.74 -0.82 1.48
N GLN A 8 2.88 -0.48 2.10
CA GLN A 8 3.09 0.86 2.76
C GLN A 8 4.06 1.70 1.92
N ILE A 9 5.16 1.11 1.58
CA ILE A 9 6.22 1.77 0.78
C ILE A 9 5.73 2.03 -0.64
N LYS A 10 5.08 1.06 -1.21
CA LYS A 10 4.54 1.17 -2.61
C LYS A 10 3.06 1.63 -2.59
N ARG A 11 2.64 2.38 -1.57
CA ARG A 11 1.24 2.88 -1.50
C ARG A 11 0.94 3.83 -2.67
N LEU A 12 1.97 4.41 -3.25
CA LEU A 12 1.81 5.32 -4.44
C LEU A 12 1.19 4.50 -5.59
N LEU A 13 1.61 3.27 -5.69
CA LEU A 13 1.10 2.32 -6.72
C LEU A 13 -0.16 1.62 -6.17
N SER A 14 -0.16 1.21 -4.91
CA SER A 14 -1.36 0.51 -4.33
C SER A 14 -2.46 1.55 -4.04
N GLU A 15 -3.34 1.79 -5.01
CA GLU A 15 -4.46 2.76 -4.80
C GLU A 15 -5.54 2.07 -3.94
N LYS A 16 -5.36 2.08 -2.64
CA LYS A 16 -6.31 1.42 -1.71
C LYS A 16 -6.95 2.50 -0.78
N LYS A 17 -7.29 3.65 -1.32
CA LYS A 17 -7.89 4.76 -0.49
C LYS A 17 -9.27 5.22 -1.05
N THR A 18 -9.98 4.34 -1.73
CA THR A 18 -11.35 4.64 -2.30
C THR A 18 -11.23 5.60 -3.51
N GLN A 2 -0.90 -6.08 1.41
CA GLN A 2 -2.23 -6.09 2.11
C GLN A 2 -1.98 -5.48 3.47
N ALA A 3 -0.95 -6.01 4.08
CA ALA A 3 -0.43 -5.52 5.39
C ALA A 3 0.03 -4.08 5.21
N GLU A 4 0.13 -3.32 6.29
CA GLU A 4 0.67 -1.93 6.15
C GLU A 4 2.23 -1.95 6.14
N ARG A 5 2.84 -3.07 5.77
CA ARG A 5 4.32 -3.23 5.78
C ARG A 5 4.85 -3.12 4.35
N MET A 6 4.47 -4.06 3.53
CA MET A 6 4.86 -4.06 2.08
C MET A 6 4.20 -2.86 1.41
N SER A 7 2.95 -2.65 1.75
CA SER A 7 2.18 -1.49 1.24
C SER A 7 2.86 -0.20 1.70
N GLN A 8 3.42 -0.20 2.88
CA GLN A 8 4.18 1.01 3.41
C GLN A 8 5.21 1.53 2.39
N ILE A 9 5.68 0.67 1.51
CA ILE A 9 6.64 1.06 0.46
C ILE A 9 5.88 1.57 -0.79
N LYS A 10 5.08 0.72 -1.38
CA LYS A 10 4.34 1.08 -2.66
C LYS A 10 2.85 1.48 -2.45
N ARG A 11 2.45 1.92 -1.27
CA ARG A 11 1.03 2.34 -1.03
C ARG A 11 0.64 3.49 -1.96
N LEU A 12 1.62 4.23 -2.45
CA LEU A 12 1.36 5.36 -3.41
C LEU A 12 0.62 4.85 -4.66
N LEU A 13 0.83 3.60 -5.01
CA LEU A 13 0.18 2.97 -6.19
C LEU A 13 -1.07 2.13 -5.79
N SER A 14 -1.51 2.17 -4.53
CA SER A 14 -2.70 1.36 -4.10
C SER A 14 -4.00 2.08 -4.54
N GLU A 15 -4.35 1.96 -5.81
CA GLU A 15 -5.61 2.62 -6.33
C GLU A 15 -6.84 2.21 -5.50
N LYS A 16 -6.84 1.01 -4.91
CA LYS A 16 -8.00 0.55 -4.09
C LYS A 16 -7.56 0.23 -2.64
N LYS A 17 -6.63 1.00 -2.09
CA LYS A 17 -6.17 0.76 -0.67
C LYS A 17 -5.57 2.05 -0.07
N THR A 18 -5.19 2.00 1.19
CA THR A 18 -4.60 3.20 1.89
C THR A 18 -3.33 2.78 2.65
N GLN A 2 2.38 -9.47 4.97
CA GLN A 2 1.39 -9.98 5.99
C GLN A 2 0.91 -8.73 6.73
N ALA A 3 1.90 -7.98 7.12
CA ALA A 3 1.70 -6.67 7.78
C ALA A 3 1.21 -5.69 6.72
N GLU A 4 0.46 -4.68 7.10
CA GLU A 4 0.06 -3.64 6.10
C GLU A 4 1.20 -2.58 6.00
N ARG A 5 2.46 -2.99 6.22
CA ARG A 5 3.60 -2.01 6.26
C ARG A 5 4.46 -2.11 5.01
N MET A 6 5.12 -3.23 4.84
CA MET A 6 6.03 -3.44 3.66
C MET A 6 5.25 -3.30 2.35
N SER A 7 4.04 -3.77 2.34
CA SER A 7 3.16 -3.65 1.13
C SER A 7 2.78 -2.19 0.95
N GLN A 8 2.56 -1.50 2.05
CA GLN A 8 2.20 -0.03 2.02
C GLN A 8 3.20 0.79 1.21
N ILE A 9 4.43 0.34 1.18
CA ILE A 9 5.49 1.06 0.42
C ILE A 9 5.31 0.86 -1.10
N LYS A 10 4.74 -0.24 -1.51
CA LYS A 10 4.52 -0.53 -2.97
C LYS A 10 3.12 -0.12 -3.45
N ARG A 11 2.25 0.33 -2.58
CA ARG A 11 0.89 0.77 -3.02
C ARG A 11 0.89 2.28 -3.38
N LEU A 12 2.03 2.84 -3.72
CA LEU A 12 2.10 4.30 -4.11
C LEU A 12 1.21 4.57 -5.33
N LEU A 13 0.90 3.55 -6.09
CA LEU A 13 0.04 3.67 -7.28
C LEU A 13 -1.45 3.68 -6.87
N SER A 14 -1.80 3.20 -5.66
CA SER A 14 -3.24 3.19 -5.24
C SER A 14 -3.66 4.63 -4.86
N GLU A 15 -4.15 5.39 -5.82
CA GLU A 15 -4.58 6.81 -5.54
C GLU A 15 -5.88 6.76 -4.73
N LYS A 16 -5.77 6.74 -3.39
CA LYS A 16 -6.94 6.71 -2.47
C LYS A 16 -7.79 5.46 -2.81
N LYS A 17 -7.29 4.30 -2.42
CA LYS A 17 -7.97 3.03 -2.77
C LYS A 17 -7.62 1.92 -1.78
N THR A 18 -8.59 1.54 -0.97
CA THR A 18 -8.46 0.43 0.03
C THR A 18 -7.11 0.49 0.81
N GLN A 2 -0.52 -8.54 3.67
CA GLN A 2 -1.61 -8.66 4.70
C GLN A 2 -1.43 -7.49 5.69
N ALA A 3 -0.18 -7.19 5.91
CA ALA A 3 0.27 -6.09 6.78
C ALA A 3 0.25 -4.79 6.01
N GLU A 4 0.17 -3.66 6.69
CA GLU A 4 0.27 -2.37 5.96
C GLU A 4 1.79 -2.02 5.81
N ARG A 5 2.64 -3.04 5.59
CA ARG A 5 4.12 -2.83 5.49
C ARG A 5 4.52 -2.85 4.02
N MET A 6 4.23 -3.95 3.39
CA MET A 6 4.50 -4.10 1.91
C MET A 6 3.57 -3.16 1.14
N SER A 7 2.40 -2.90 1.70
CA SER A 7 1.42 -1.95 1.10
C SER A 7 1.77 -0.50 1.51
N GLN A 8 2.90 -0.29 2.20
CA GLN A 8 3.36 1.08 2.66
C GLN A 8 4.46 1.64 1.72
N ILE A 9 5.03 0.80 0.90
CA ILE A 9 6.10 1.19 -0.04
C ILE A 9 5.49 1.68 -1.34
N LYS A 10 4.62 0.90 -1.90
CA LYS A 10 3.93 1.27 -3.19
C LYS A 10 2.57 1.94 -2.92
N ARG A 11 2.42 2.66 -1.81
CA ARG A 11 1.14 3.37 -1.51
C ARG A 11 0.85 4.40 -2.61
N LEU A 12 1.90 4.92 -3.22
CA LEU A 12 1.77 5.91 -4.36
C LEU A 12 0.94 5.27 -5.49
N LEU A 13 1.15 3.99 -5.68
CA LEU A 13 0.42 3.21 -6.71
C LEU A 13 -0.87 2.60 -6.10
N SER A 14 -0.83 2.22 -4.83
CA SER A 14 -2.03 1.60 -4.18
C SER A 14 -3.04 2.68 -3.74
N GLU A 15 -3.52 3.48 -4.69
CA GLU A 15 -4.53 4.55 -4.37
C GLU A 15 -5.95 3.96 -4.21
N LYS A 16 -6.20 2.74 -4.69
CA LYS A 16 -7.55 2.10 -4.53
C LYS A 16 -7.42 0.91 -3.54
N LYS A 17 -6.60 1.07 -2.51
CA LYS A 17 -6.36 -0.01 -1.49
C LYS A 17 -5.44 0.56 -0.40
N THR A 18 -6.02 1.13 0.66
CA THR A 18 -5.20 1.74 1.78
C THR A 18 -4.34 2.91 1.27
N GLN A 2 2.45 -8.83 4.43
CA GLN A 2 1.17 -9.27 5.09
C GLN A 2 0.70 -8.12 5.99
N ALA A 3 1.67 -7.49 6.59
CA ALA A 3 1.47 -6.30 7.44
C ALA A 3 1.08 -5.13 6.53
N GLU A 4 0.52 -4.08 7.10
CA GLU A 4 0.23 -2.87 6.26
C GLU A 4 1.53 -2.02 6.13
N ARG A 5 2.72 -2.63 6.30
CA ARG A 5 4.00 -1.87 6.29
C ARG A 5 4.79 -2.11 5.00
N MET A 6 5.31 -3.31 4.87
CA MET A 6 6.13 -3.68 3.65
C MET A 6 5.30 -3.50 2.39
N SER A 7 4.07 -3.91 2.44
CA SER A 7 3.14 -3.75 1.28
C SER A 7 2.89 -2.26 1.04
N GLN A 8 2.78 -1.51 2.11
CA GLN A 8 2.56 -0.01 2.04
C GLN A 8 3.61 0.67 1.16
N ILE A 9 4.78 0.11 1.08
CA ILE A 9 5.86 0.68 0.23
C ILE A 9 5.57 0.44 -1.26
N LYS A 10 4.82 -0.60 -1.56
CA LYS A 10 4.46 -0.96 -2.98
C LYS A 10 3.09 -0.40 -3.39
N ARG A 11 2.23 -0.09 -2.44
CA ARG A 11 0.88 0.45 -2.78
C ARG A 11 0.91 1.99 -2.96
N LEU A 12 2.07 2.59 -3.19
CA LEU A 12 2.14 4.10 -3.41
C LEU A 12 1.21 4.51 -4.56
N LEU A 13 1.11 3.66 -5.54
CA LEU A 13 0.23 3.89 -6.71
C LEU A 13 -1.27 3.86 -6.34
N SER A 14 -1.64 3.47 -5.12
CA SER A 14 -3.09 3.43 -4.70
C SER A 14 -3.60 4.89 -4.52
N GLU A 15 -4.04 5.51 -5.60
CA GLU A 15 -4.57 6.92 -5.53
C GLU A 15 -5.86 6.95 -4.68
N LYS A 16 -6.79 6.05 -4.98
CA LYS A 16 -8.08 6.01 -4.23
C LYS A 16 -8.47 4.54 -3.97
N LYS A 17 -7.80 3.90 -3.02
CA LYS A 17 -8.09 2.46 -2.71
C LYS A 17 -8.28 2.27 -1.18
N THR A 18 -8.25 1.03 -0.70
CA THR A 18 -8.48 0.75 0.75
C THR A 18 -8.04 -0.69 1.09
N GLN A 2 -0.74 -5.98 1.88
CA GLN A 2 -1.75 -6.45 2.91
C GLN A 2 -1.17 -6.09 4.26
N ALA A 3 0.08 -6.44 4.40
CA ALA A 3 0.89 -6.13 5.59
C ALA A 3 1.11 -4.61 5.65
N GLU A 4 1.62 -4.13 6.76
CA GLU A 4 1.96 -2.66 6.84
C GLU A 4 3.37 -2.43 6.20
N ARG A 5 3.90 -3.42 5.49
CA ARG A 5 5.28 -3.33 4.92
C ARG A 5 5.23 -3.06 3.42
N MET A 6 4.61 -3.95 2.67
CA MET A 6 4.46 -3.74 1.18
C MET A 6 3.52 -2.55 0.97
N SER A 7 2.53 -2.44 1.84
CA SER A 7 1.57 -1.29 1.81
C SER A 7 2.28 0.02 2.27
N GLN A 8 3.53 -0.06 2.69
CA GLN A 8 4.31 1.14 3.14
C GLN A 8 5.19 1.66 1.98
N ILE A 9 5.59 0.78 1.10
CA ILE A 9 6.41 1.15 -0.08
C ILE A 9 5.48 1.38 -1.28
N LYS A 10 4.63 0.43 -1.52
CA LYS A 10 3.64 0.52 -2.66
C LYS A 10 2.28 1.09 -2.17
N ARG A 11 2.28 1.92 -1.11
CA ARG A 11 1.01 2.53 -0.61
C ARG A 11 0.32 3.33 -1.72
N LEU A 12 1.11 3.80 -2.67
CA LEU A 12 0.55 4.59 -3.85
C LEU A 12 -0.52 3.75 -4.56
N LEU A 13 -0.27 2.47 -4.64
CA LEU A 13 -1.19 1.49 -5.28
C LEU A 13 -2.04 0.77 -4.20
N SER A 14 -1.51 0.59 -2.99
CA SER A 14 -2.28 -0.14 -1.91
C SER A 14 -3.29 0.75 -1.19
N GLU A 15 -2.83 1.85 -0.67
CA GLU A 15 -3.71 2.80 0.08
C GLU A 15 -4.41 3.78 -0.87
N LYS A 16 -3.68 4.35 -1.82
CA LYS A 16 -4.31 5.32 -2.78
C LYS A 16 -4.95 4.52 -3.93
N LYS A 17 -6.02 3.80 -3.63
CA LYS A 17 -6.71 2.96 -4.67
C LYS A 17 -8.07 2.46 -4.16
N THR A 18 -8.79 1.74 -4.99
CA THR A 18 -10.16 1.25 -4.63
C THR A 18 -10.07 -0.15 -4.00
N GLN A 2 3.23 -10.37 6.17
CA GLN A 2 1.99 -10.54 7.01
C GLN A 2 1.61 -9.13 7.48
N ALA A 3 2.62 -8.48 7.97
CA ALA A 3 2.55 -7.08 8.45
C ALA A 3 1.99 -6.15 7.39
N GLU A 4 1.52 -5.00 7.79
CA GLU A 4 1.09 -3.97 6.79
C GLU A 4 2.35 -3.16 6.37
N ARG A 5 3.53 -3.80 6.33
CA ARG A 5 4.80 -3.11 5.96
C ARG A 5 5.08 -3.32 4.49
N MET A 6 4.95 -4.55 4.06
CA MET A 6 5.10 -4.87 2.60
C MET A 6 3.92 -4.23 1.86
N SER A 7 2.80 -4.12 2.54
CA SER A 7 1.57 -3.46 1.98
C SER A 7 1.76 -1.92 1.96
N GLN A 8 2.81 -1.41 2.57
CA GLN A 8 3.04 0.07 2.65
C GLN A 8 4.22 0.57 1.77
N ILE A 9 4.80 -0.30 0.96
CA ILE A 9 5.95 0.08 0.09
C ILE A 9 5.47 0.87 -1.14
N LYS A 10 5.59 0.35 -2.35
CA LYS A 10 5.14 1.11 -3.59
C LYS A 10 3.59 1.10 -3.77
N ARG A 11 2.85 1.35 -2.71
CA ARG A 11 1.38 1.37 -2.74
C ARG A 11 0.83 2.81 -2.93
N LEU A 12 1.69 3.81 -2.83
CA LEU A 12 1.27 5.24 -3.01
C LEU A 12 0.82 5.46 -4.46
N LEU A 13 1.62 4.96 -5.37
CA LEU A 13 1.34 5.07 -6.84
C LEU A 13 -0.01 4.38 -7.16
N SER A 14 -0.33 3.28 -6.49
CA SER A 14 -1.63 2.57 -6.76
C SER A 14 -2.84 3.49 -6.42
N GLU A 15 -4.02 3.10 -6.90
CA GLU A 15 -5.28 3.90 -6.66
C GLU A 15 -5.43 4.29 -5.17
N LYS A 16 -5.80 3.36 -4.28
CA LYS A 16 -5.96 3.64 -2.82
C LYS A 16 -7.06 4.71 -2.66
N LYS A 17 -8.29 4.26 -2.53
CA LYS A 17 -9.45 5.21 -2.42
C LYS A 17 -10.62 4.55 -1.62
N THR A 18 -11.73 5.28 -1.50
CA THR A 18 -12.90 4.77 -0.71
C THR A 18 -14.22 5.35 -1.28
N GLN A 2 0.79 -8.30 2.50
CA GLN A 2 -0.33 -8.64 3.44
C GLN A 2 -0.12 -7.78 4.67
N ALA A 3 1.11 -7.80 5.11
CA ALA A 3 1.59 -6.99 6.24
C ALA A 3 1.44 -5.51 5.88
N GLU A 4 1.41 -4.62 6.85
CA GLU A 4 1.36 -3.16 6.51
C GLU A 4 2.81 -2.66 6.24
N ARG A 5 3.72 -3.54 5.78
CA ARG A 5 5.15 -3.17 5.56
C ARG A 5 5.41 -3.00 4.07
N MET A 6 5.32 -4.09 3.34
CA MET A 6 5.52 -4.06 1.84
C MET A 6 4.42 -3.23 1.19
N SER A 7 3.24 -3.23 1.76
CA SER A 7 2.11 -2.42 1.24
C SER A 7 2.15 -0.99 1.85
N GLN A 8 3.26 -0.62 2.50
CA GLN A 8 3.44 0.74 3.14
C GLN A 8 4.28 1.67 2.25
N ILE A 9 5.16 1.09 1.50
CA ILE A 9 6.06 1.86 0.60
C ILE A 9 5.31 2.21 -0.67
N LYS A 10 4.79 1.22 -1.33
CA LYS A 10 4.03 1.42 -2.60
C LYS A 10 2.51 1.48 -2.32
N ARG A 11 2.07 2.05 -1.19
CA ARG A 11 0.61 2.18 -0.92
C ARG A 11 -0.03 3.04 -2.00
N LEU A 12 0.74 3.96 -2.56
CA LEU A 12 0.28 4.85 -3.70
C LEU A 12 -0.24 3.97 -4.85
N LEU A 13 0.38 2.83 -5.02
CA LEU A 13 0.00 1.83 -6.04
C LEU A 13 -0.97 0.80 -5.42
N SER A 14 -0.81 0.50 -4.14
CA SER A 14 -1.67 -0.51 -3.44
C SER A 14 -3.06 0.08 -3.10
N GLU A 15 -3.45 0.13 -1.84
CA GLU A 15 -4.81 0.65 -1.42
C GLU A 15 -4.95 2.20 -1.63
N LYS A 16 -4.66 2.69 -2.82
CA LYS A 16 -4.80 4.15 -3.10
C LYS A 16 -5.89 4.34 -4.19
N LYS A 17 -7.15 4.20 -3.80
CA LYS A 17 -8.29 4.34 -4.77
C LYS A 17 -9.47 5.15 -4.15
N THR A 18 -9.17 6.06 -3.23
CA THR A 18 -10.23 6.91 -2.57
C THR A 18 -11.15 6.04 -1.68
N GLN A 2 2.35 -9.70 4.97
CA GLN A 2 1.40 -10.16 6.03
C GLN A 2 1.07 -8.92 6.86
N ALA A 3 2.14 -8.26 7.23
CA ALA A 3 2.09 -6.97 7.96
C ALA A 3 1.50 -5.90 7.05
N GLU A 4 0.98 -4.83 7.61
CA GLU A 4 0.51 -3.69 6.75
C GLU A 4 1.75 -2.79 6.40
N ARG A 5 2.96 -3.37 6.38
CA ARG A 5 4.22 -2.61 6.13
C ARG A 5 4.71 -2.82 4.70
N MET A 6 4.85 -4.06 4.32
CA MET A 6 5.30 -4.41 2.92
C MET A 6 4.23 -3.96 1.95
N SER A 7 2.98 -4.15 2.31
CA SER A 7 1.84 -3.68 1.47
C SER A 7 1.75 -2.12 1.48
N GLN A 8 2.61 -1.45 2.23
CA GLN A 8 2.56 0.04 2.35
C GLN A 8 3.76 0.75 1.67
N ILE A 9 4.64 0.01 1.05
CA ILE A 9 5.86 0.59 0.40
C ILE A 9 5.52 1.30 -0.93
N LYS A 10 5.81 0.71 -2.06
CA LYS A 10 5.51 1.38 -3.40
C LYS A 10 4.01 1.19 -3.81
N ARG A 11 3.10 1.36 -2.87
CA ARG A 11 1.66 1.20 -3.12
C ARG A 11 0.93 2.54 -3.34
N LEU A 12 1.61 3.64 -3.17
CA LEU A 12 1.00 5.02 -3.37
C LEU A 12 0.45 5.15 -4.80
N LEU A 13 1.17 4.62 -5.74
CA LEU A 13 0.78 4.65 -7.17
C LEU A 13 -0.56 3.90 -7.42
N SER A 14 -0.95 2.99 -6.54
CA SER A 14 -2.24 2.24 -6.74
C SER A 14 -3.44 3.03 -6.16
N GLU A 15 -4.65 2.47 -6.24
CA GLU A 15 -5.87 3.16 -5.71
C GLU A 15 -5.94 3.00 -4.17
N LYS A 16 -5.03 3.64 -3.45
CA LYS A 16 -5.03 3.55 -1.96
C LYS A 16 -5.90 4.70 -1.38
N LYS A 17 -7.16 4.73 -1.76
CA LYS A 17 -8.10 5.81 -1.27
C LYS A 17 -9.56 5.45 -1.65
N THR A 18 -10.07 4.39 -1.03
CA THR A 18 -11.49 3.89 -1.28
C THR A 18 -11.60 3.29 -2.69
N GLN A 2 -0.16 -8.33 2.43
CA GLN A 2 -1.34 -8.56 3.34
C GLN A 2 -1.23 -7.51 4.46
N ALA A 3 -0.01 -7.29 4.85
CA ALA A 3 0.38 -6.30 5.86
C ALA A 3 0.34 -4.93 5.20
N GLU A 4 0.12 -3.87 5.95
CA GLU A 4 0.19 -2.50 5.35
C GLU A 4 1.69 -2.05 5.35
N ARG A 5 2.63 -2.99 5.18
CA ARG A 5 4.09 -2.67 5.21
C ARG A 5 4.61 -2.58 3.78
N MET A 6 4.38 -3.64 3.04
CA MET A 6 4.75 -3.65 1.57
C MET A 6 3.86 -2.63 0.84
N SER A 7 2.68 -2.39 1.39
CA SER A 7 1.72 -1.39 0.82
C SER A 7 2.02 0.04 1.36
N GLN A 8 3.05 0.18 2.19
CA GLN A 8 3.46 1.52 2.78
C GLN A 8 4.64 2.12 1.99
N ILE A 9 5.42 1.28 1.35
CA ILE A 9 6.58 1.73 0.54
C ILE A 9 6.11 1.95 -0.89
N LYS A 10 5.39 1.00 -1.42
CA LYS A 10 4.85 1.09 -2.81
C LYS A 10 3.39 1.64 -2.80
N ARG A 11 3.03 2.45 -1.80
CA ARG A 11 1.65 3.02 -1.74
C ARG A 11 1.33 3.81 -3.01
N LEU A 12 2.35 4.31 -3.66
CA LEU A 12 2.20 5.08 -4.96
C LEU A 12 1.44 4.21 -5.98
N LEU A 13 1.79 2.95 -6.00
CA LEU A 13 1.16 1.95 -6.90
C LEU A 13 0.06 1.16 -6.14
N SER A 14 0.19 0.99 -4.83
CA SER A 14 -0.82 0.22 -4.03
C SER A 14 -2.15 0.99 -3.89
N GLU A 15 -3.27 0.29 -4.02
CA GLU A 15 -4.61 0.95 -3.88
C GLU A 15 -4.93 1.09 -2.38
N LYS A 16 -4.35 2.09 -1.74
CA LYS A 16 -4.59 2.32 -0.28
C LYS A 16 -5.68 3.40 -0.15
N LYS A 17 -6.87 3.11 -0.64
CA LYS A 17 -7.98 4.11 -0.61
C LYS A 17 -9.31 3.45 -0.96
N THR A 18 -10.27 3.64 -0.09
CA THR A 18 -11.66 3.09 -0.28
C THR A 18 -12.37 3.83 -1.45
N GLN A 2 1.68 -9.71 3.86
CA GLN A 2 1.00 -10.14 5.13
C GLN A 2 1.31 -9.05 6.14
N ALA A 3 2.57 -8.73 6.17
CA ALA A 3 3.12 -7.65 7.00
C ALA A 3 2.61 -6.32 6.47
N GLU A 4 2.37 -5.35 7.32
CA GLU A 4 1.97 -3.99 6.80
C GLU A 4 3.28 -3.22 6.46
N ARG A 5 4.28 -3.90 5.88
CA ARG A 5 5.61 -3.27 5.60
C ARG A 5 5.69 -2.94 4.11
N MET A 6 5.74 -3.97 3.30
CA MET A 6 5.77 -3.80 1.80
C MET A 6 4.49 -3.07 1.35
N SER A 7 3.40 -3.35 2.04
CA SER A 7 2.09 -2.69 1.77
C SER A 7 2.08 -1.24 2.35
N GLN A 8 3.14 -0.84 3.03
CA GLN A 8 3.27 0.53 3.62
C GLN A 8 4.13 1.43 2.72
N ILE A 9 5.12 0.84 2.10
CA ILE A 9 6.05 1.57 1.21
C ILE A 9 5.50 1.57 -0.23
N LYS A 10 4.98 0.45 -0.67
CA LYS A 10 4.42 0.35 -2.07
C LYS A 10 2.90 0.62 -2.13
N ARG A 11 2.28 1.01 -1.03
CA ARG A 11 0.82 1.33 -1.04
C ARG A 11 0.51 2.47 -2.02
N LEU A 12 1.51 3.27 -2.36
CA LEU A 12 1.34 4.40 -3.34
C LEU A 12 0.83 3.84 -4.68
N LEU A 13 1.18 2.61 -4.97
CA LEU A 13 0.74 1.93 -6.23
C LEU A 13 -0.76 1.52 -6.15
N SER A 14 -1.32 1.40 -4.94
CA SER A 14 -2.75 1.00 -4.80
C SER A 14 -3.64 2.26 -4.69
N GLU A 15 -4.37 2.58 -5.75
CA GLU A 15 -5.26 3.79 -5.73
C GLU A 15 -6.54 3.42 -4.97
N LYS A 16 -6.46 3.40 -3.65
CA LYS A 16 -7.63 3.03 -2.80
C LYS A 16 -8.22 4.28 -2.09
N LYS A 17 -8.23 5.42 -2.77
CA LYS A 17 -8.80 6.68 -2.17
C LYS A 17 -9.82 7.30 -3.15
N THR A 18 -10.67 6.46 -3.77
CA THR A 18 -11.75 6.92 -4.75
C THR A 18 -11.25 8.06 -5.68
N GLN A 2 -0.38 -8.49 6.42
CA GLN A 2 -0.62 -8.50 7.91
C GLN A 2 0.30 -7.42 8.47
N ALA A 3 1.51 -7.49 8.02
CA ALA A 3 2.57 -6.52 8.36
C ALA A 3 2.23 -5.17 7.72
N GLU A 4 2.78 -4.09 8.23
CA GLU A 4 2.56 -2.77 7.56
C GLU A 4 3.62 -2.61 6.42
N ARG A 5 4.07 -3.73 5.82
CA ARG A 5 5.12 -3.70 4.75
C ARG A 5 4.47 -3.83 3.39
N MET A 6 3.70 -4.87 3.22
CA MET A 6 2.95 -5.08 1.93
C MET A 6 1.90 -3.99 1.76
N SER A 7 1.36 -3.53 2.87
CA SER A 7 0.39 -2.39 2.88
C SER A 7 1.14 -1.07 2.58
N GLN A 8 2.48 -1.09 2.57
CA GLN A 8 3.31 0.14 2.37
C GLN A 8 4.07 0.17 1.02
N ILE A 9 3.79 -0.74 0.12
CA ILE A 9 4.52 -0.82 -1.19
C ILE A 9 4.09 0.35 -2.12
N LYS A 10 3.39 0.09 -3.20
CA LYS A 10 2.96 1.20 -4.14
C LYS A 10 1.69 1.93 -3.63
N ARG A 11 1.51 2.00 -2.33
CA ARG A 11 0.37 2.71 -1.71
C ARG A 11 0.48 4.22 -1.93
N LEU A 12 1.69 4.71 -2.13
CA LEU A 12 1.93 6.17 -2.40
C LEU A 12 1.31 6.55 -3.76
N LEU A 13 1.28 5.59 -4.67
CA LEU A 13 0.72 5.81 -6.03
C LEU A 13 -0.76 5.42 -6.07
N SER A 14 -1.10 4.24 -5.60
CA SER A 14 -2.53 3.78 -5.63
C SER A 14 -3.27 4.32 -4.38
N GLU A 15 -3.54 5.62 -4.38
CA GLU A 15 -4.27 6.27 -3.22
C GLU A 15 -5.58 5.54 -2.92
N LYS A 16 -6.32 5.15 -3.96
CA LYS A 16 -7.63 4.44 -3.75
C LYS A 16 -7.64 3.09 -4.49
N LYS A 17 -6.53 2.36 -4.45
CA LYS A 17 -6.45 1.03 -5.13
C LYS A 17 -5.72 0.03 -4.21
N THR A 18 -6.50 -0.76 -3.49
CA THR A 18 -5.92 -1.79 -2.54
C THR A 18 -5.09 -1.10 -1.42
N GLN A 2 -0.76 -7.86 3.74
CA GLN A 2 -1.86 -8.01 4.76
C GLN A 2 -1.58 -6.96 5.82
N ALA A 3 -0.34 -6.96 6.23
CA ALA A 3 0.21 -5.97 7.19
C ALA A 3 0.12 -4.59 6.57
N GLU A 4 0.16 -3.53 7.36
CA GLU A 4 0.18 -2.16 6.77
C GLU A 4 1.65 -1.81 6.38
N ARG A 5 2.49 -2.81 6.10
CA ARG A 5 3.93 -2.55 5.84
C ARG A 5 4.27 -2.75 4.37
N MET A 6 4.24 -3.97 3.92
CA MET A 6 4.54 -4.27 2.47
C MET A 6 3.45 -3.66 1.58
N SER A 7 2.24 -3.60 2.10
CA SER A 7 1.09 -2.95 1.40
C SER A 7 1.25 -1.41 1.46
N GLN A 8 2.26 -0.90 2.15
CA GLN A 8 2.47 0.57 2.33
C GLN A 8 3.69 1.12 1.56
N ILE A 9 4.40 0.29 0.84
CA ILE A 9 5.62 0.73 0.11
C ILE A 9 5.26 1.56 -1.15
N LYS A 10 5.40 1.01 -2.33
CA LYS A 10 5.07 1.79 -3.60
C LYS A 10 3.54 1.77 -3.89
N ARG A 11 2.73 2.01 -2.87
CA ARG A 11 1.26 2.02 -3.00
C ARG A 11 0.69 3.45 -3.16
N LEU A 12 1.55 4.44 -3.32
CA LEU A 12 1.10 5.86 -3.50
C LEU A 12 0.89 6.19 -5.00
N LEU A 13 0.92 5.18 -5.87
CA LEU A 13 0.72 5.38 -7.32
C LEU A 13 -0.75 5.07 -7.69
N SER A 14 -1.23 3.90 -7.30
CA SER A 14 -2.65 3.50 -7.60
C SER A 14 -3.57 3.82 -6.41
N GLU A 15 -4.83 3.42 -6.48
CA GLU A 15 -5.81 3.69 -5.37
C GLU A 15 -6.19 2.36 -4.65
N LYS A 16 -5.24 1.47 -4.45
CA LYS A 16 -5.51 0.17 -3.75
C LYS A 16 -4.72 0.12 -2.43
N LYS A 17 -5.17 0.86 -1.44
CA LYS A 17 -4.46 0.90 -0.10
C LYS A 17 -5.41 1.36 1.01
N THR A 18 -5.08 0.97 2.22
CA THR A 18 -5.91 1.31 3.42
C THR A 18 -5.04 2.17 4.38
N GLN A 2 5.25 -10.42 5.86
CA GLN A 2 4.05 -11.13 6.43
C GLN A 2 3.11 -10.05 6.94
N ALA A 3 3.73 -9.15 7.66
CA ALA A 3 3.09 -7.95 8.25
C ALA A 3 2.33 -7.15 7.20
N GLU A 4 1.43 -6.30 7.66
CA GLU A 4 0.74 -5.36 6.73
C GLU A 4 1.66 -4.09 6.57
N ARG A 5 3.00 -4.28 6.63
CA ARG A 5 3.95 -3.13 6.54
C ARG A 5 4.48 -3.02 5.14
N MET A 6 4.90 -4.14 4.60
CA MET A 6 5.37 -4.19 3.18
C MET A 6 4.18 -3.91 2.26
N SER A 7 3.00 -4.29 2.69
CA SER A 7 1.75 -4.02 1.91
C SER A 7 1.34 -2.53 2.07
N GLN A 8 2.07 -1.76 2.87
CA GLN A 8 1.72 -0.33 3.13
C GLN A 8 2.72 0.68 2.46
N ILE A 9 3.71 0.18 1.75
CA ILE A 9 4.74 1.04 1.10
C ILE A 9 4.15 1.80 -0.11
N LYS A 10 4.48 1.42 -1.32
CA LYS A 10 3.95 2.14 -2.55
C LYS A 10 2.51 1.64 -2.90
N ARG A 11 1.65 1.51 -1.91
CA ARG A 11 0.27 1.03 -2.11
C ARG A 11 -0.75 2.19 -2.18
N LEU A 12 -0.28 3.43 -2.22
CA LEU A 12 -1.18 4.62 -2.31
C LEU A 12 -1.47 4.97 -3.81
N LEU A 13 -1.12 4.09 -4.73
CA LEU A 13 -1.35 4.33 -6.18
C LEU A 13 -2.64 3.62 -6.62
N SER A 14 -2.76 2.32 -6.33
CA SER A 14 -3.99 1.55 -6.72
C SER A 14 -5.00 1.50 -5.57
N GLU A 15 -6.19 0.96 -5.83
CA GLU A 15 -7.30 0.83 -4.82
C GLU A 15 -7.88 2.22 -4.40
N LYS A 16 -7.04 3.20 -4.07
CA LYS A 16 -7.53 4.55 -3.68
C LYS A 16 -6.88 5.64 -4.54
N LYS A 17 -5.59 5.55 -4.70
CA LYS A 17 -4.81 6.54 -5.52
C LYS A 17 -4.80 7.92 -4.85
N THR A 18 -3.72 8.17 -4.10
CA THR A 18 -3.48 9.47 -3.38
C THR A 18 -4.67 9.87 -2.47
N GLN A 2 1.22 -9.11 4.59
CA GLN A 2 -0.01 -9.40 5.41
C GLN A 2 -0.35 -8.10 6.11
N ALA A 3 0.68 -7.54 6.68
CA ALA A 3 0.63 -6.22 7.36
C ALA A 3 0.36 -5.13 6.33
N GLU A 4 -0.13 -3.99 6.76
CA GLU A 4 -0.30 -2.86 5.78
C GLU A 4 1.05 -2.09 5.66
N ARG A 5 2.18 -2.79 5.85
CA ARG A 5 3.54 -2.13 5.82
C ARG A 5 4.23 -2.42 4.50
N MET A 6 4.32 -3.68 4.17
CA MET A 6 4.94 -4.10 2.85
C MET A 6 4.01 -3.61 1.74
N SER A 7 2.72 -3.72 1.97
CA SER A 7 1.70 -3.21 1.00
C SER A 7 1.78 -1.66 0.91
N GLN A 8 2.51 -1.01 1.80
CA GLN A 8 2.58 0.48 1.82
C GLN A 8 3.93 1.06 1.36
N ILE A 9 4.83 0.25 0.86
CA ILE A 9 6.17 0.74 0.42
C ILE A 9 6.05 1.51 -0.92
N LYS A 10 6.35 0.90 -2.04
CA LYS A 10 6.25 1.60 -3.37
C LYS A 10 4.79 1.50 -3.92
N ARG A 11 3.79 1.61 -3.04
CA ARG A 11 2.37 1.50 -3.40
C ARG A 11 1.68 2.88 -3.54
N LEU A 12 2.46 3.94 -3.67
CA LEU A 12 1.86 5.32 -3.82
C LEU A 12 1.45 5.58 -5.30
N LEU A 13 1.35 4.55 -6.12
CA LEU A 13 0.95 4.68 -7.53
C LEU A 13 -0.56 4.42 -7.66
N SER A 14 -1.03 3.29 -7.12
CA SER A 14 -2.49 2.95 -7.20
C SER A 14 -3.25 3.47 -5.96
N GLU A 15 -4.54 3.20 -5.88
CA GLU A 15 -5.35 3.65 -4.71
C GLU A 15 -5.86 2.43 -3.93
N LYS A 16 -5.03 1.88 -3.06
CA LYS A 16 -5.43 0.68 -2.24
C LYS A 16 -5.71 1.12 -0.78
N LYS A 17 -6.52 2.14 -0.58
CA LYS A 17 -6.83 2.62 0.80
C LYS A 17 -8.08 3.54 0.78
N THR A 18 -9.24 2.93 0.97
CA THR A 18 -10.54 3.68 1.02
C THR A 18 -10.69 4.65 -0.18
N GLN A 2 0.03 -7.93 3.86
CA GLN A 2 -0.76 -8.38 5.05
C GLN A 2 -0.26 -7.55 6.22
N ALA A 3 1.04 -7.56 6.34
CA ALA A 3 1.76 -6.74 7.35
C ALA A 3 1.55 -5.26 6.99
N GLU A 4 1.91 -4.37 7.88
CA GLU A 4 1.82 -2.91 7.53
C GLU A 4 3.09 -2.48 6.72
N ARG A 5 3.86 -3.44 6.20
CA ARG A 5 5.12 -3.14 5.46
C ARG A 5 4.93 -3.29 3.96
N MET A 6 4.58 -4.49 3.53
CA MET A 6 4.32 -4.74 2.07
C MET A 6 3.10 -3.94 1.62
N SER A 7 2.16 -3.75 2.52
CA SER A 7 0.96 -2.91 2.24
C SER A 7 1.36 -1.40 2.24
N GLN A 8 2.60 -1.10 2.57
CA GLN A 8 3.11 0.32 2.69
C GLN A 8 4.13 0.72 1.60
N ILE A 9 4.41 -0.14 0.66
CA ILE A 9 5.45 0.15 -0.39
C ILE A 9 4.94 1.19 -1.42
N LYS A 10 4.68 0.80 -2.64
CA LYS A 10 4.20 1.81 -3.68
C LYS A 10 2.69 2.09 -3.55
N ARG A 11 2.13 1.98 -2.36
CA ARG A 11 0.70 2.23 -2.13
C ARG A 11 0.32 3.69 -2.41
N LEU A 12 1.30 4.57 -2.40
CA LEU A 12 1.07 6.01 -2.71
C LEU A 12 0.62 6.15 -4.17
N LEU A 13 1.20 5.36 -5.03
CA LEU A 13 0.90 5.37 -6.48
C LEU A 13 -0.05 4.22 -6.84
N SER A 14 0.25 3.02 -6.39
CA SER A 14 -0.59 1.80 -6.70
C SER A 14 -2.00 1.89 -6.05
N GLU A 15 -2.83 0.84 -6.25
CA GLU A 15 -4.26 0.73 -5.71
C GLU A 15 -4.75 2.01 -4.98
N LYS A 16 -4.60 2.11 -3.64
CA LYS A 16 -5.03 3.33 -2.89
C LYS A 16 -6.55 3.54 -3.13
N LYS A 17 -7.35 2.76 -2.42
CA LYS A 17 -8.83 2.81 -2.58
C LYS A 17 -9.52 2.89 -1.20
N THR A 18 -9.30 4.00 -0.49
CA THR A 18 -9.93 4.26 0.88
C THR A 18 -10.02 2.98 1.77
N GLN A 2 -1.92 -7.06 3.99
CA GLN A 2 -2.75 -6.97 5.23
C GLN A 2 -1.94 -6.14 6.23
N ALA A 3 -0.66 -6.45 6.23
CA ALA A 3 0.35 -5.75 7.06
C ALA A 3 0.53 -4.34 6.55
N GLU A 4 1.04 -3.45 7.37
CA GLU A 4 1.36 -2.08 6.89
C GLU A 4 2.79 -2.11 6.25
N ARG A 5 3.17 -3.24 5.63
CA ARG A 5 4.55 -3.42 5.08
C ARG A 5 4.55 -3.31 3.56
N MET A 6 3.92 -4.28 2.92
CA MET A 6 3.83 -4.33 1.41
C MET A 6 3.17 -3.05 0.91
N SER A 7 2.11 -2.68 1.56
CA SER A 7 1.39 -1.43 1.23
C SER A 7 2.32 -0.23 1.44
N GLN A 8 3.07 -0.25 2.52
CA GLN A 8 4.06 0.84 2.82
C GLN A 8 5.00 1.15 1.65
N ILE A 9 5.21 0.20 0.77
CA ILE A 9 6.09 0.41 -0.40
C ILE A 9 5.33 1.14 -1.52
N LYS A 10 4.33 0.51 -2.08
CA LYS A 10 3.57 1.11 -3.25
C LYS A 10 2.19 1.75 -2.89
N ARG A 11 1.94 2.08 -1.64
CA ARG A 11 0.65 2.72 -1.26
C ARG A 11 0.46 4.06 -2.00
N LEU A 12 1.55 4.65 -2.47
CA LEU A 12 1.49 5.95 -3.22
C LEU A 12 0.78 5.76 -4.56
N LEU A 13 0.89 4.57 -5.12
CA LEU A 13 0.26 4.24 -6.42
C LEU A 13 -1.17 3.71 -6.16
N SER A 14 -1.36 2.83 -5.20
CA SER A 14 -2.73 2.30 -4.91
C SER A 14 -3.44 3.26 -3.94
N GLU A 15 -3.90 4.40 -4.46
CA GLU A 15 -4.61 5.41 -3.60
C GLU A 15 -5.91 4.83 -3.01
N LYS A 16 -6.58 3.92 -3.73
CA LYS A 16 -7.85 3.30 -3.22
C LYS A 16 -7.67 1.75 -3.14
N LYS A 17 -6.53 1.29 -2.65
CA LYS A 17 -6.27 -0.19 -2.54
C LYS A 17 -4.95 -0.45 -1.79
N THR A 18 -4.62 -1.70 -1.64
CA THR A 18 -3.38 -2.12 -0.90
C THR A 18 -2.66 -3.24 -1.69
N GLN A 2 1.62 -9.01 2.92
CA GLN A 2 0.80 -9.70 3.96
C GLN A 2 0.87 -8.82 5.20
N ALA A 3 2.07 -8.43 5.49
CA ALA A 3 2.39 -7.51 6.59
C ALA A 3 1.80 -6.13 6.29
N GLU A 4 1.64 -5.30 7.29
CA GLU A 4 1.19 -3.90 7.05
C GLU A 4 2.44 -3.03 6.68
N ARG A 5 3.47 -3.65 6.08
CA ARG A 5 4.75 -2.94 5.77
C ARG A 5 4.85 -2.63 4.28
N MET A 6 4.86 -3.67 3.48
CA MET A 6 4.94 -3.51 1.98
C MET A 6 3.75 -2.71 1.47
N SER A 7 2.61 -2.95 2.05
CA SER A 7 1.36 -2.19 1.68
C SER A 7 1.33 -0.80 2.37
N GLN A 8 2.38 -0.43 3.08
CA GLN A 8 2.45 0.89 3.78
C GLN A 8 3.32 1.85 2.98
N ILE A 9 4.44 1.36 2.52
CA ILE A 9 5.41 2.15 1.72
C ILE A 9 5.07 2.06 0.23
N LYS A 10 4.79 0.87 -0.24
CA LYS A 10 4.44 0.65 -1.70
C LYS A 10 2.91 0.65 -1.92
N ARG A 11 2.16 1.46 -1.18
CA ARG A 11 0.69 1.53 -1.35
C ARG A 11 0.31 2.62 -2.38
N LEU A 12 1.25 3.41 -2.84
CA LEU A 12 0.96 4.49 -3.87
C LEU A 12 0.40 3.84 -5.14
N LEU A 13 0.78 2.62 -5.40
CA LEU A 13 0.29 1.87 -6.57
C LEU A 13 -1.23 1.58 -6.46
N SER A 14 -1.82 1.74 -5.26
CA SER A 14 -3.29 1.49 -5.09
C SER A 14 -4.09 2.40 -6.04
N GLU A 15 -4.98 1.83 -6.83
CA GLU A 15 -5.81 2.63 -7.78
C GLU A 15 -6.74 3.59 -7.01
N LYS A 16 -7.54 3.04 -6.10
CA LYS A 16 -8.49 3.88 -5.31
C LYS A 16 -8.28 3.59 -3.80
N LYS A 17 -7.36 4.30 -3.17
CA LYS A 17 -7.08 4.06 -1.71
C LYS A 17 -6.15 5.16 -1.13
N THR A 18 -5.87 5.08 0.16
CA THR A 18 -5.01 6.10 0.86
C THR A 18 -4.01 5.39 1.79
N GLN A 2 0.96 -8.75 2.92
CA GLN A 2 -0.10 -9.31 3.83
C GLN A 2 -0.33 -8.25 4.89
N ALA A 3 0.78 -7.82 5.43
CA ALA A 3 0.83 -6.72 6.43
C ALA A 3 0.35 -5.45 5.75
N GLU A 4 -0.12 -4.49 6.53
CA GLU A 4 -0.49 -3.15 5.92
C GLU A 4 0.81 -2.29 5.82
N ARG A 5 1.98 -2.93 5.63
CA ARG A 5 3.28 -2.21 5.61
C ARG A 5 3.81 -2.11 4.18
N MET A 6 4.00 -3.25 3.57
CA MET A 6 4.51 -3.33 2.14
C MET A 6 3.51 -2.66 1.19
N SER A 7 2.25 -2.77 1.51
CA SER A 7 1.16 -2.13 0.70
C SER A 7 1.03 -0.62 1.07
N GLN A 8 1.79 -0.16 2.06
CA GLN A 8 1.77 1.26 2.51
C GLN A 8 2.96 2.07 1.94
N ILE A 9 3.90 1.41 1.31
CA ILE A 9 5.10 2.10 0.73
C ILE A 9 4.85 2.41 -0.74
N LYS A 10 4.48 1.40 -1.48
CA LYS A 10 4.18 1.57 -2.94
C LYS A 10 2.68 1.83 -3.15
N ARG A 11 2.05 2.55 -2.24
CA ARG A 11 0.60 2.90 -2.39
C ARG A 11 0.44 3.81 -3.61
N LEU A 12 1.49 4.54 -3.95
CA LEU A 12 1.47 5.42 -5.17
C LEU A 12 1.25 4.54 -6.42
N LEU A 13 1.72 3.31 -6.34
CA LEU A 13 1.60 2.32 -7.43
C LEU A 13 0.33 1.46 -7.23
N SER A 14 -0.01 1.09 -5.99
CA SER A 14 -1.23 0.22 -5.77
C SER A 14 -2.53 1.03 -5.69
N GLU A 15 -2.44 2.34 -5.47
CA GLU A 15 -3.64 3.28 -5.37
C GLU A 15 -4.87 2.62 -4.66
N LYS A 16 -4.64 2.02 -3.50
CA LYS A 16 -5.73 1.33 -2.76
C LYS A 16 -5.65 1.71 -1.27
N LYS A 17 -6.59 1.25 -0.46
CA LYS A 17 -6.58 1.54 1.01
C LYS A 17 -6.72 3.05 1.30
N THR A 18 -6.56 3.44 2.55
CA THR A 18 -6.74 4.88 2.97
C THR A 18 -5.37 5.57 3.20
N GLN A 2 2.39 -8.50 4.23
CA GLN A 2 1.17 -9.05 4.92
C GLN A 2 0.66 -7.92 5.81
N ALA A 3 1.58 -7.32 6.49
CA ALA A 3 1.32 -6.15 7.37
C ALA A 3 0.88 -4.96 6.52
N GLU A 4 0.38 -3.93 7.14
CA GLU A 4 0.04 -2.67 6.37
C GLU A 4 1.34 -1.83 6.18
N ARG A 5 2.52 -2.46 6.32
CA ARG A 5 3.81 -1.73 6.29
C ARG A 5 4.59 -2.03 5.01
N MET A 6 5.03 -3.25 4.87
CA MET A 6 5.81 -3.68 3.66
C MET A 6 4.92 -3.58 2.41
N SER A 7 3.67 -3.91 2.57
CA SER A 7 2.67 -3.81 1.47
C SER A 7 2.48 -2.34 1.12
N GLN A 8 2.44 -1.52 2.16
CA GLN A 8 2.31 -0.02 2.03
C GLN A 8 3.34 0.57 1.08
N ILE A 9 4.49 -0.03 0.99
CA ILE A 9 5.57 0.47 0.09
C ILE A 9 5.18 0.28 -1.39
N LYS A 10 4.37 -0.70 -1.67
CA LYS A 10 3.94 -0.97 -3.08
C LYS A 10 2.59 -0.31 -3.43
N ARG A 11 1.86 0.20 -2.46
CA ARG A 11 0.55 0.84 -2.73
C ARG A 11 0.68 2.38 -2.86
N LEU A 12 1.87 2.91 -3.08
CA LEU A 12 2.04 4.41 -3.24
C LEU A 12 1.17 4.91 -4.40
N LEU A 13 1.14 4.16 -5.46
CA LEU A 13 0.36 4.49 -6.67
C LEU A 13 -1.17 4.27 -6.47
N SER A 14 -1.62 3.69 -5.35
CA SER A 14 -3.09 3.48 -5.16
C SER A 14 -3.79 4.82 -4.90
N GLU A 15 -4.44 5.38 -5.91
CA GLU A 15 -5.15 6.70 -5.76
C GLU A 15 -6.22 6.58 -4.65
N LYS A 16 -7.07 5.57 -4.73
CA LYS A 16 -8.14 5.38 -3.71
C LYS A 16 -8.34 3.85 -3.49
N LYS A 17 -7.40 3.23 -2.81
CA LYS A 17 -7.46 1.74 -2.55
C LYS A 17 -6.32 1.32 -1.61
N THR A 18 -6.69 1.06 -0.36
CA THR A 18 -5.74 0.61 0.71
C THR A 18 -4.59 1.63 0.91
N GLN A 2 0.24 -8.39 2.74
CA GLN A 2 -0.84 -8.68 3.74
C GLN A 2 -0.62 -7.73 4.93
N ALA A 3 0.63 -7.54 5.22
CA ALA A 3 1.10 -6.62 6.28
C ALA A 3 0.90 -5.18 5.81
N GLU A 4 0.89 -4.24 6.73
CA GLU A 4 0.82 -2.81 6.30
C GLU A 4 2.27 -2.32 5.98
N ARG A 5 3.15 -3.22 5.50
CA ARG A 5 4.57 -2.89 5.25
C ARG A 5 4.87 -2.78 3.75
N MET A 6 4.69 -3.89 3.07
CA MET A 6 4.95 -3.95 1.58
C MET A 6 3.99 -3.04 0.84
N SER A 7 2.77 -2.95 1.30
CA SER A 7 1.79 -2.05 0.66
C SER A 7 1.88 -0.64 1.27
N GLN A 8 2.93 -0.35 2.04
CA GLN A 8 3.14 1.00 2.68
C GLN A 8 4.14 1.79 1.85
N ILE A 9 5.25 1.17 1.60
CA ILE A 9 6.33 1.78 0.77
C ILE A 9 5.83 1.98 -0.65
N LYS A 10 5.08 1.05 -1.14
CA LYS A 10 4.54 1.12 -2.55
C LYS A 10 3.09 1.64 -2.55
N ARG A 11 2.68 2.41 -1.55
CA ARG A 11 1.31 2.98 -1.50
C ARG A 11 1.02 3.85 -2.73
N LEU A 12 2.05 4.35 -3.37
CA LEU A 12 1.90 5.19 -4.61
C LEU A 12 1.20 4.35 -5.70
N LEU A 13 1.57 3.10 -5.76
CA LEU A 13 0.99 2.13 -6.73
C LEU A 13 -0.16 1.35 -6.06
N SER A 14 -0.03 1.00 -4.78
CA SER A 14 -1.11 0.25 -4.07
C SER A 14 -2.21 1.23 -3.62
N GLU A 15 -3.01 1.70 -4.57
CA GLU A 15 -4.10 2.66 -4.22
C GLU A 15 -5.29 1.88 -3.64
N LYS A 16 -5.17 1.47 -2.40
CA LYS A 16 -6.27 0.71 -1.72
C LYS A 16 -6.96 1.63 -0.66
N LYS A 17 -7.33 2.84 -1.06
CA LYS A 17 -8.01 3.79 -0.11
C LYS A 17 -8.86 4.81 -0.89
N THR A 18 -10.14 4.49 -1.06
CA THR A 18 -11.11 5.40 -1.78
C THR A 18 -10.53 5.93 -3.12
N GLN A 2 -2.07 -6.10 1.84
CA GLN A 2 -3.28 -5.94 2.73
C GLN A 2 -2.79 -5.23 3.97
N ALA A 3 -1.70 -5.73 4.48
CA ALA A 3 -0.99 -5.15 5.64
C ALA A 3 -0.59 -3.70 5.35
N GLU A 4 -0.24 -2.95 6.36
CA GLU A 4 0.26 -1.56 6.11
C GLU A 4 1.78 -1.64 5.76
N ARG A 5 2.26 -2.76 5.21
CA ARG A 5 3.73 -2.95 4.95
C ARG A 5 4.03 -2.86 3.45
N MET A 6 3.57 -3.85 2.73
CA MET A 6 3.80 -3.91 1.23
C MET A 6 3.09 -2.75 0.54
N SER A 7 1.96 -2.36 1.06
CA SER A 7 1.22 -1.20 0.49
C SER A 7 1.69 0.13 1.14
N GLN A 8 2.81 0.09 1.87
CA GLN A 8 3.39 1.30 2.56
C GLN A 8 4.58 1.87 1.77
N ILE A 9 5.27 0.99 1.09
CA ILE A 9 6.46 1.36 0.28
C ILE A 9 5.99 1.84 -1.08
N LYS A 10 5.19 1.05 -1.73
CA LYS A 10 4.64 1.41 -3.09
C LYS A 10 3.25 2.08 -2.97
N ARG A 11 2.95 2.77 -1.88
CA ARG A 11 1.63 3.47 -1.73
C ARG A 11 1.41 4.44 -2.90
N LEU A 12 2.50 4.94 -3.46
CA LEU A 12 2.45 5.89 -4.64
C LEU A 12 1.64 5.25 -5.79
N LEU A 13 1.89 3.99 -5.99
CA LEU A 13 1.20 3.18 -7.03
C LEU A 13 0.00 2.41 -6.42
N SER A 14 0.07 2.02 -5.14
CA SER A 14 -1.03 1.25 -4.50
C SER A 14 -2.32 2.10 -4.42
N GLU A 15 -3.40 1.61 -5.01
CA GLU A 15 -4.71 2.36 -4.98
C GLU A 15 -5.76 1.57 -4.14
N LYS A 16 -5.32 0.71 -3.23
CA LYS A 16 -6.27 -0.09 -2.39
C LYS A 16 -5.74 -0.13 -0.93
N LYS A 17 -5.46 1.04 -0.36
CA LYS A 17 -4.93 1.12 1.04
C LYS A 17 -6.09 1.01 2.04
N THR A 18 -6.46 -0.23 2.35
CA THR A 18 -7.56 -0.53 3.34
C THR A 18 -8.82 0.34 3.08
N GLN A 2 0.59 -7.99 3.29
CA GLN A 2 -0.65 -8.41 4.03
C GLN A 2 -0.90 -7.33 5.06
N ALA A 3 0.14 -7.03 5.79
CA ALA A 3 0.13 -5.93 6.78
C ALA A 3 0.00 -4.60 6.04
N GLU A 4 -0.33 -3.53 6.72
CA GLU A 4 -0.36 -2.21 6.02
C GLU A 4 1.09 -1.63 5.97
N ARG A 5 2.13 -2.48 6.12
CA ARG A 5 3.54 -2.02 6.13
C ARG A 5 4.19 -2.34 4.79
N MET A 6 4.30 -3.60 4.47
CA MET A 6 4.87 -4.03 3.14
C MET A 6 3.91 -3.59 2.04
N SER A 7 2.64 -3.60 2.32
CA SER A 7 1.62 -3.09 1.36
C SER A 7 1.68 -1.54 1.26
N GLN A 8 2.54 -0.90 2.05
CA GLN A 8 2.66 0.59 2.07
C GLN A 8 3.96 1.13 1.43
N ILE A 9 4.79 0.27 0.90
CA ILE A 9 6.09 0.72 0.29
C ILE A 9 5.85 1.43 -1.05
N LYS A 10 6.08 0.79 -2.17
CA LYS A 10 5.86 1.45 -3.52
C LYS A 10 4.37 1.34 -3.94
N ARG A 11 3.44 1.54 -3.01
CA ARG A 11 1.99 1.44 -3.28
C ARG A 11 1.30 2.81 -3.46
N LEU A 12 2.08 3.87 -3.62
CA LEU A 12 1.48 5.23 -3.83
C LEU A 12 1.15 5.47 -5.32
N LEU A 13 1.12 4.42 -6.13
CA LEU A 13 0.80 4.52 -7.57
C LEU A 13 -0.68 4.19 -7.80
N SER A 14 -1.14 3.04 -7.28
CA SER A 14 -2.59 2.64 -7.46
C SER A 14 -3.44 3.10 -6.25
N GLU A 15 -4.73 2.83 -6.30
CA GLU A 15 -5.67 3.24 -5.19
C GLU A 15 -5.50 2.30 -3.97
N LYS A 16 -4.39 2.42 -3.27
CA LYS A 16 -4.15 1.57 -2.05
C LYS A 16 -4.70 2.32 -0.82
N LYS A 17 -6.01 2.46 -0.74
CA LYS A 17 -6.64 3.20 0.40
C LYS A 17 -7.91 2.50 0.86
N THR A 18 -7.82 1.84 2.02
CA THR A 18 -8.99 1.12 2.66
C THR A 18 -9.81 0.30 1.63
#